data_4GER
#
_entry.id   4GER
#
_cell.length_a   61.014
_cell.length_b   77.070
_cell.length_c   64.052
_cell.angle_alpha   90.00
_cell.angle_beta   103.16
_cell.angle_gamma   90.00
#
_symmetry.space_group_name_H-M   'P 1 21 1'
#
loop_
_entity.id
_entity.type
_entity.pdbx_description
1 polymer 'Gentlyase metalloprotease'
2 non-polymer 'ZINC ION'
3 non-polymer 'CALCIUM ION'
4 non-polymer THREONINE
5 non-polymer LYSINE
6 water water
#
_entity_poly.entity_id   1
_entity_poly.type   'polypeptide(L)'
_entity_poly.pdbx_seq_one_letter_code
;ATGTGKGVLGDTKSFTTTASGSSYQLKDTTRGNGVVTYTASNRQSIPGTILTDADNVWNDPAGVDAHTYAAKTYDYYKAK
FGRNSIDGRGLQLRSTVHYGSRYNNAFWNGSQMTYGDGDGSTFIAFSGDPDVVGHELTHGVTEYTSNLEYYGESGALNEA
FSDVIGNDIQRKNWLVGDDIYTPNIAGDALRSMSNPTLYDQPDHYSNLYTGSSDNGGVHTNSGIINKAYYLLAQGGTFHG
VTVNGIGRDAAVQIYYSAFTNYLTSSSDFSNARAAVIQAAKDQYGANSAEATAAAKSFDAVGVN
;
_entity_poly.pdbx_strand_id   A,B
#
# COMPACT_ATOMS: atom_id res chain seq x y z
N ALA A 1 -22.31 -10.58 -27.16
CA ALA A 1 -23.45 -11.44 -26.75
C ALA A 1 -24.06 -10.95 -25.45
N THR A 2 -25.30 -11.39 -25.21
CA THR A 2 -25.98 -11.03 -23.95
C THR A 2 -26.08 -12.22 -23.00
N GLY A 3 -25.21 -12.27 -21.99
CA GLY A 3 -25.29 -13.33 -20.97
C GLY A 3 -26.27 -12.89 -19.86
N THR A 4 -26.74 -13.86 -19.14
CA THR A 4 -27.64 -13.70 -18.02
C THR A 4 -27.10 -14.58 -16.89
N GLY A 5 -27.47 -14.24 -15.67
CA GLY A 5 -27.08 -15.05 -14.51
C GLY A 5 -27.40 -14.40 -13.17
N LYS A 6 -27.29 -15.14 -12.08
CA LYS A 6 -27.71 -14.61 -10.75
C LYS A 6 -26.49 -13.98 -10.08
N GLY A 7 -26.66 -12.88 -9.38
CA GLY A 7 -25.55 -12.27 -8.56
C GLY A 7 -25.48 -12.95 -7.20
N VAL A 8 -24.54 -12.51 -6.38
CA VAL A 8 -24.26 -13.12 -5.08
C VAL A 8 -25.57 -13.15 -4.21
N LEU A 9 -26.43 -12.11 -4.34
CA LEU A 9 -27.73 -12.11 -3.62
C LEU A 9 -28.85 -12.87 -4.31
N GLY A 10 -28.60 -13.54 -5.42
CA GLY A 10 -29.65 -14.41 -5.99
C GLY A 10 -30.54 -13.72 -7.06
N ASP A 11 -30.21 -12.48 -7.39
CA ASP A 11 -30.93 -11.61 -8.38
C ASP A 11 -30.46 -11.86 -9.81
N THR A 12 -31.40 -12.16 -10.71
CA THR A 12 -31.00 -12.37 -12.11
C THR A 12 -30.74 -11.02 -12.83
N LYS A 13 -29.61 -10.92 -13.54
CA LYS A 13 -29.27 -9.71 -14.31
C LYS A 13 -28.62 -10.13 -15.62
N SER A 14 -28.45 -9.16 -16.49
CA SER A 14 -27.80 -9.40 -17.79
C SER A 14 -26.60 -8.53 -17.93
N PHE A 15 -25.71 -8.93 -18.87
CA PHE A 15 -24.48 -8.19 -19.03
C PHE A 15 -23.91 -8.62 -20.36
N THR A 16 -22.83 -7.97 -20.85
CA THR A 16 -22.31 -8.34 -22.18
C THR A 16 -21.17 -9.33 -22.06
N THR A 17 -21.16 -10.34 -22.94
CA THR A 17 -20.14 -11.39 -22.94
C THR A 17 -19.69 -11.52 -24.40
N THR A 18 -18.70 -12.40 -24.66
CA THR A 18 -18.13 -12.59 -26.01
C THR A 18 -18.17 -14.05 -26.38
N ALA A 19 -18.70 -14.32 -27.57
CA ALA A 19 -18.77 -15.69 -28.06
C ALA A 19 -17.39 -15.97 -28.64
N SER A 20 -16.81 -17.05 -28.21
CA SER A 20 -15.47 -17.40 -28.66
C SER A 20 -15.41 -18.89 -28.81
N GLY A 21 -15.32 -19.34 -30.07
CA GLY A 21 -15.47 -20.76 -30.42
C GLY A 21 -16.74 -21.38 -29.91
N SER A 22 -16.57 -22.44 -29.11
CA SER A 22 -17.71 -23.20 -28.64
C SER A 22 -18.34 -22.65 -27.35
N SER A 23 -17.93 -21.49 -26.87
CA SER A 23 -18.49 -21.07 -25.59
C SER A 23 -18.52 -19.53 -25.52
N TYR A 24 -18.81 -18.97 -24.36
CA TYR A 24 -18.80 -17.50 -24.13
C TYR A 24 -17.78 -17.20 -23.04
N GLN A 25 -17.09 -16.11 -23.26
CA GLN A 25 -16.21 -15.60 -22.23
C GLN A 25 -16.88 -14.47 -21.51
N LEU A 26 -16.58 -14.37 -20.22
CA LEU A 26 -17.03 -13.19 -19.43
C LEU A 26 -16.21 -11.93 -19.75
N LYS A 27 -16.50 -11.35 -20.92
CA LYS A 27 -15.68 -10.33 -21.50
C LYS A 27 -16.58 -9.42 -22.31
N ASP A 28 -16.53 -8.13 -21.96
CA ASP A 28 -17.39 -7.12 -22.62
C ASP A 28 -16.44 -6.14 -23.32
N THR A 29 -16.43 -6.24 -24.65
CA THR A 29 -15.53 -5.40 -25.48
C THR A 29 -16.14 -4.07 -25.89
N THR A 30 -17.31 -3.74 -25.33
CA THR A 30 -18.02 -2.55 -25.78
C THR A 30 -17.82 -1.31 -24.89
N ARG A 31 -17.14 -1.51 -23.75
CA ARG A 31 -16.90 -0.46 -22.78
C ARG A 31 -15.38 -0.20 -22.73
N GLY A 32 -14.95 0.90 -23.34
CA GLY A 32 -13.51 1.24 -23.30
C GLY A 32 -12.72 0.17 -23.94
N ASN A 33 -11.56 -0.15 -23.35
CA ASN A 33 -10.76 -1.29 -23.78
C ASN A 33 -11.21 -2.67 -23.24
N GLY A 34 -12.38 -2.71 -22.61
CA GLY A 34 -12.95 -3.96 -22.21
C GLY A 34 -13.23 -4.01 -20.73
N VAL A 35 -14.27 -4.79 -20.41
CA VAL A 35 -14.50 -5.30 -19.05
C VAL A 35 -14.29 -6.82 -19.11
N VAL A 36 -13.32 -7.32 -18.34
CA VAL A 36 -12.99 -8.69 -18.47
C VAL A 36 -12.89 -9.29 -17.09
N THR A 37 -13.55 -10.42 -16.87
CA THR A 37 -13.62 -11.02 -15.52
C THR A 37 -13.14 -12.45 -15.52
N TYR A 38 -12.30 -12.77 -14.52
CA TYR A 38 -11.53 -13.96 -14.40
C TYR A 38 -11.86 -14.68 -13.10
N THR A 39 -11.64 -15.98 -13.12
CA THR A 39 -11.57 -16.80 -11.90
C THR A 39 -10.15 -17.09 -11.46
N ALA A 40 -9.84 -16.91 -10.16
CA ALA A 40 -8.56 -17.39 -9.63
C ALA A 40 -8.64 -18.90 -9.16
N SER A 41 -9.82 -19.53 -9.30
CA SER A 41 -9.97 -20.96 -9.01
C SER A 41 -9.56 -21.31 -7.60
N ASN A 42 -9.83 -20.38 -6.69
CA ASN A 42 -9.50 -20.52 -5.28
C ASN A 42 -8.02 -20.66 -4.98
N ARG A 43 -7.19 -20.23 -5.94
CA ARG A 43 -5.78 -19.98 -5.63
C ARG A 43 -5.49 -18.47 -5.62
N GLN A 44 -4.24 -18.09 -5.49
CA GLN A 44 -3.90 -16.68 -5.47
C GLN A 44 -3.14 -16.19 -6.72
N SER A 45 -3.09 -16.96 -7.82
CA SER A 45 -2.53 -16.34 -9.03
C SER A 45 -3.59 -15.50 -9.72
N ILE A 46 -3.17 -14.29 -10.07
CA ILE A 46 -3.96 -13.32 -10.79
C ILE A 46 -3.32 -12.95 -12.15
N PRO A 47 -4.14 -12.67 -13.17
CA PRO A 47 -5.61 -12.53 -13.08
C PRO A 47 -6.33 -13.85 -12.97
N GLY A 48 -5.71 -14.94 -13.37
CA GLY A 48 -6.27 -16.32 -13.38
C GLY A 48 -6.74 -16.63 -14.79
N THR A 49 -7.94 -17.18 -14.93
CA THR A 49 -8.39 -17.52 -16.30
C THR A 49 -9.66 -16.80 -16.56
N ILE A 50 -9.84 -16.31 -17.79
CA ILE A 50 -11.14 -15.68 -18.11
C ILE A 50 -12.32 -16.65 -17.82
N LEU A 51 -13.38 -16.17 -17.16
CA LEU A 51 -14.49 -17.07 -16.87
C LEU A 51 -15.24 -17.43 -18.23
N THR A 52 -15.66 -18.68 -18.37
CA THR A 52 -16.30 -19.17 -19.56
C THR A 52 -17.61 -19.93 -19.21
N ASP A 53 -18.53 -20.00 -20.19
CA ASP A 53 -19.77 -20.70 -19.95
C ASP A 53 -20.26 -21.14 -21.34
N ALA A 54 -20.83 -22.33 -21.37
CA ALA A 54 -21.23 -22.96 -22.67
C ALA A 54 -22.46 -22.29 -23.33
N ASP A 55 -23.49 -21.91 -22.54
CA ASP A 55 -24.77 -21.47 -23.14
C ASP A 55 -25.11 -20.01 -22.84
N ASN A 56 -24.20 -19.31 -22.15
CA ASN A 56 -24.37 -17.85 -21.82
C ASN A 56 -25.40 -17.64 -20.77
N VAL A 57 -25.77 -18.70 -20.03
CA VAL A 57 -26.53 -18.52 -18.80
C VAL A 57 -25.59 -18.88 -17.70
N TRP A 58 -25.14 -17.93 -16.86
CA TRP A 58 -23.96 -18.10 -16.03
C TRP A 58 -24.29 -18.61 -14.68
N ASN A 59 -23.48 -19.49 -14.13
CA ASN A 59 -23.65 -19.95 -12.82
C ASN A 59 -22.35 -19.67 -12.04
N ASP A 60 -22.17 -18.38 -11.68
CA ASP A 60 -21.02 -17.92 -10.90
C ASP A 60 -21.37 -16.60 -10.33
N PRO A 61 -22.12 -16.64 -9.21
CA PRO A 61 -22.65 -15.41 -8.67
C PRO A 61 -21.61 -14.32 -8.47
N ALA A 62 -20.44 -14.71 -7.88
CA ALA A 62 -19.37 -13.72 -7.68
C ALA A 62 -18.90 -13.12 -8.99
N GLY A 63 -18.75 -13.94 -10.01
CA GLY A 63 -18.24 -13.38 -11.29
C GLY A 63 -19.32 -12.62 -11.97
N VAL A 64 -20.58 -13.05 -11.88
CA VAL A 64 -21.66 -12.24 -12.46
C VAL A 64 -21.65 -10.82 -11.87
N ASP A 65 -21.53 -10.73 -10.55
CA ASP A 65 -21.61 -9.44 -9.93
C ASP A 65 -20.30 -8.65 -10.16
N ALA A 66 -19.13 -9.34 -10.11
CA ALA A 66 -17.87 -8.59 -10.41
C ALA A 66 -17.97 -7.92 -11.82
N HIS A 67 -18.48 -8.68 -12.78
CA HIS A 67 -18.53 -8.23 -14.18
C HIS A 67 -19.59 -7.21 -14.38
N THR A 68 -20.81 -7.49 -13.87
CA THR A 68 -21.87 -6.53 -14.02
C THR A 68 -21.60 -5.19 -13.35
N TYR A 69 -21.04 -5.23 -12.15
CA TYR A 69 -20.88 -3.98 -11.37
C TYR A 69 -19.70 -3.24 -11.90
N ALA A 70 -18.69 -3.95 -12.48
CA ALA A 70 -17.63 -3.17 -13.15
C ALA A 70 -18.18 -2.47 -14.37
N ALA A 71 -19.04 -3.14 -15.15
CA ALA A 71 -19.67 -2.45 -16.32
C ALA A 71 -20.56 -1.27 -15.89
N LYS A 72 -21.37 -1.49 -14.87
CA LYS A 72 -22.14 -0.39 -14.34
C LYS A 72 -21.31 0.78 -13.78
N THR A 73 -20.15 0.49 -13.14
CA THR A 73 -19.30 1.53 -12.64
C THR A 73 -18.67 2.33 -13.78
N TYR A 74 -18.31 1.59 -14.85
CA TYR A 74 -17.84 2.24 -16.10
C TYR A 74 -18.91 3.22 -16.62
N ASP A 75 -20.17 2.82 -16.62
CA ASP A 75 -21.25 3.59 -17.20
C ASP A 75 -21.48 4.81 -16.34
N TYR A 76 -21.34 4.62 -15.02
CA TYR A 76 -21.58 5.62 -13.96
C TYR A 76 -20.52 6.71 -14.11
N TYR A 77 -19.24 6.38 -14.23
CA TYR A 77 -18.23 7.38 -14.33
C TYR A 77 -18.38 8.15 -15.63
N LYS A 78 -18.70 7.45 -16.73
CA LYS A 78 -18.81 8.17 -17.98
CA LYS A 78 -18.87 8.11 -18.03
C LYS A 78 -20.06 9.08 -17.96
N ALA A 79 -21.19 8.61 -17.41
CA ALA A 79 -22.43 9.33 -17.45
C ALA A 79 -22.43 10.53 -16.44
N LYS A 80 -21.88 10.29 -15.26
CA LYS A 80 -21.90 11.27 -14.25
C LYS A 80 -20.76 12.29 -14.35
N PHE A 81 -19.56 11.85 -14.75
CA PHE A 81 -18.37 12.67 -14.67
C PHE A 81 -17.68 12.84 -15.98
N GLY A 82 -18.22 12.25 -17.05
CA GLY A 82 -17.51 12.36 -18.36
C GLY A 82 -16.20 11.66 -18.37
N ARG A 83 -16.02 10.66 -17.49
CA ARG A 83 -14.73 9.97 -17.42
C ARG A 83 -14.79 8.58 -18.08
N ASN A 84 -13.82 8.31 -18.95
CA ASN A 84 -13.76 7.06 -19.64
C ASN A 84 -12.84 6.08 -18.96
N SER A 85 -13.39 5.20 -18.11
CA SER A 85 -12.59 4.28 -17.31
C SER A 85 -11.65 4.92 -16.28
N ILE A 86 -10.77 4.08 -15.69
CA ILE A 86 -9.96 4.52 -14.55
C ILE A 86 -8.94 5.67 -14.89
N ASP A 87 -8.32 5.56 -16.08
CA ASP A 87 -7.33 6.50 -16.56
C ASP A 87 -7.91 7.61 -17.43
N GLY A 88 -9.21 7.56 -17.70
CA GLY A 88 -9.86 8.60 -18.53
C GLY A 88 -9.68 8.33 -20.00
N ARG A 89 -8.99 7.26 -20.28
CA ARG A 89 -8.65 6.85 -21.64
C ARG A 89 -9.04 5.42 -21.90
N GLY A 90 -10.07 4.92 -21.22
CA GLY A 90 -10.53 3.58 -21.56
C GLY A 90 -9.77 2.38 -21.07
N LEU A 91 -9.01 2.52 -19.99
CA LEU A 91 -8.28 1.40 -19.45
C LEU A 91 -9.12 0.12 -19.30
N GLN A 92 -8.61 -1.04 -19.71
CA GLN A 92 -9.34 -2.26 -19.56
C GLN A 92 -9.61 -2.54 -18.07
N LEU A 93 -10.87 -2.86 -17.71
CA LEU A 93 -11.26 -3.19 -16.34
C LEU A 93 -11.29 -4.71 -16.15
N ARG A 94 -10.31 -5.20 -15.36
CA ARG A 94 -10.02 -6.57 -15.07
C ARG A 94 -10.42 -6.84 -13.63
N SER A 95 -11.23 -7.87 -13.47
CA SER A 95 -11.57 -8.36 -12.18
C SER A 95 -11.29 -9.84 -12.01
N THR A 96 -10.83 -10.23 -10.83
CA THR A 96 -10.70 -11.60 -10.51
C THR A 96 -11.50 -11.94 -9.27
N VAL A 97 -12.31 -12.98 -9.42
CA VAL A 97 -13.11 -13.53 -8.31
C VAL A 97 -12.56 -14.92 -7.90
N HIS A 98 -13.12 -15.47 -6.83
CA HIS A 98 -12.62 -16.74 -6.22
C HIS A 98 -11.12 -16.71 -5.94
N TYR A 99 -10.66 -15.56 -5.52
CA TYR A 99 -9.28 -15.35 -5.11
C TYR A 99 -9.11 -16.03 -3.72
N GLY A 100 -8.17 -16.93 -3.67
CA GLY A 100 -7.84 -17.66 -2.39
C GLY A 100 -8.99 -18.53 -1.93
N SER A 101 -8.88 -19.04 -0.70
CA SER A 101 -9.87 -19.93 -0.12
C SER A 101 -10.46 -19.23 1.14
N ARG A 102 -11.76 -19.10 1.22
CA ARG A 102 -12.44 -18.42 2.34
C ARG A 102 -11.77 -17.04 2.68
N TYR A 103 -11.39 -16.30 1.64
CA TYR A 103 -10.52 -15.13 1.83
C TYR A 103 -11.32 -13.89 2.15
N ASN A 104 -11.03 -13.21 3.24
CA ASN A 104 -11.94 -12.21 3.81
C ASN A 104 -11.55 -10.78 3.43
N ASN A 105 -11.26 -10.59 2.16
CA ASN A 105 -11.09 -9.21 1.70
C ASN A 105 -11.12 -9.14 0.18
N ALA A 106 -11.04 -7.89 -0.32
CA ALA A 106 -11.02 -7.56 -1.74
C ALA A 106 -10.05 -6.38 -1.84
N PHE A 107 -9.44 -6.15 -3.02
CA PHE A 107 -8.50 -5.03 -3.13
C PHE A 107 -8.24 -4.67 -4.58
N TRP A 108 -7.87 -3.40 -4.73
CA TRP A 108 -7.21 -2.86 -5.93
C TRP A 108 -5.71 -2.94 -5.78
N ASN A 109 -5.01 -3.54 -6.73
CA ASN A 109 -3.54 -3.73 -6.65
C ASN A 109 -2.71 -2.86 -7.60
N GLY A 110 -3.29 -1.86 -8.25
CA GLY A 110 -2.56 -0.92 -9.14
C GLY A 110 -2.93 -1.29 -10.58
N SER A 111 -3.50 -2.47 -10.74
CA SER A 111 -3.88 -2.98 -12.09
C SER A 111 -5.30 -3.52 -12.27
N GLN A 112 -5.88 -4.14 -11.25
CA GLN A 112 -7.11 -4.87 -11.37
C GLN A 112 -7.78 -4.98 -10.00
N MET A 113 -9.08 -5.33 -10.02
CA MET A 113 -9.88 -5.58 -8.81
C MET A 113 -9.83 -7.10 -8.52
N THR A 114 -9.64 -7.49 -7.25
CA THR A 114 -9.54 -8.87 -6.89
C THR A 114 -10.45 -9.07 -5.70
N TYR A 115 -11.24 -10.09 -5.76
CA TYR A 115 -12.25 -10.34 -4.69
C TYR A 115 -12.18 -11.74 -4.08
N GLY A 116 -11.97 -11.77 -2.76
CA GLY A 116 -12.18 -13.01 -2.07
C GLY A 116 -13.67 -13.45 -2.06
N ASP A 117 -13.85 -14.74 -1.77
CA ASP A 117 -15.18 -15.32 -1.45
C ASP A 117 -15.74 -15.00 -0.06
N GLY A 118 -14.89 -14.62 0.89
CA GLY A 118 -15.33 -14.44 2.30
C GLY A 118 -15.42 -15.84 2.89
N ASP A 119 -15.56 -15.88 4.20
CA ASP A 119 -15.57 -17.17 4.91
C ASP A 119 -16.96 -17.70 5.08
N GLY A 120 -17.99 -16.95 4.66
CA GLY A 120 -19.37 -17.47 4.64
C GLY A 120 -20.03 -17.09 5.97
N SER A 121 -19.21 -16.69 6.93
CA SER A 121 -19.71 -16.29 8.25
C SER A 121 -19.77 -14.75 8.43
N THR A 122 -18.60 -14.13 8.44
CA THR A 122 -18.48 -12.68 8.53
C THR A 122 -18.73 -12.02 7.18
N PHE A 123 -18.26 -12.68 6.13
CA PHE A 123 -18.34 -12.08 4.79
C PHE A 123 -18.82 -13.07 3.83
N ILE A 124 -19.60 -12.62 2.85
CA ILE A 124 -19.82 -13.44 1.62
C ILE A 124 -19.09 -12.80 0.41
N ALA A 125 -19.27 -13.31 -0.82
CA ALA A 125 -18.34 -12.90 -1.85
C ALA A 125 -18.38 -11.40 -2.11
N PHE A 126 -17.20 -10.78 -2.13
CA PHE A 126 -17.11 -9.30 -1.93
C PHE A 126 -17.65 -8.50 -3.11
N SER A 127 -17.66 -9.14 -4.28
CA SER A 127 -18.20 -8.40 -5.45
C SER A 127 -19.72 -8.28 -5.37
N GLY A 128 -20.34 -8.98 -4.42
CA GLY A 128 -21.82 -8.89 -4.19
C GLY A 128 -22.39 -7.52 -3.75
N ASP A 129 -21.55 -6.52 -3.42
CA ASP A 129 -22.03 -5.20 -3.08
C ASP A 129 -21.51 -4.24 -4.10
N PRO A 130 -22.40 -3.68 -4.89
CA PRO A 130 -21.88 -2.74 -5.86
C PRO A 130 -21.11 -1.61 -5.18
N ASP A 131 -21.38 -1.26 -3.90
CA ASP A 131 -20.49 -0.23 -3.34
C ASP A 131 -19.04 -0.71 -3.02
N VAL A 132 -18.80 -2.02 -2.95
CA VAL A 132 -17.46 -2.54 -2.73
C VAL A 132 -16.73 -2.55 -4.05
N VAL A 133 -17.46 -2.94 -5.10
CA VAL A 133 -16.86 -2.85 -6.42
C VAL A 133 -16.49 -1.40 -6.79
N GLY A 134 -17.43 -0.47 -6.58
CA GLY A 134 -17.22 0.95 -6.76
C GLY A 134 -16.05 1.46 -5.95
N HIS A 135 -15.96 1.00 -4.71
CA HIS A 135 -14.88 1.36 -3.80
C HIS A 135 -13.50 0.98 -4.36
N GLU A 136 -13.37 -0.28 -4.76
CA GLU A 136 -12.07 -0.79 -5.25
C GLU A 136 -11.67 -0.11 -6.58
N LEU A 137 -12.63 -0.02 -7.52
CA LEU A 137 -12.30 0.67 -8.76
C LEU A 137 -11.92 2.15 -8.58
N THR A 138 -12.51 2.82 -7.58
CA THR A 138 -12.22 4.21 -7.38
C THR A 138 -10.77 4.34 -6.84
N HIS A 139 -10.24 3.29 -6.17
CA HIS A 139 -8.79 3.35 -5.87
C HIS A 139 -7.95 3.50 -7.11
N GLY A 140 -8.38 2.93 -8.23
CA GLY A 140 -7.61 3.18 -9.47
C GLY A 140 -7.83 4.58 -9.98
N VAL A 141 -9.06 5.12 -9.91
CA VAL A 141 -9.27 6.50 -10.29
C VAL A 141 -8.33 7.42 -9.50
N THR A 142 -8.17 7.17 -8.20
CA THR A 142 -7.38 8.06 -7.38
C THR A 142 -5.94 7.96 -7.81
N GLU A 143 -5.48 6.75 -8.10
CA GLU A 143 -4.11 6.58 -8.59
C GLU A 143 -3.83 7.46 -9.80
N TYR A 144 -4.82 7.57 -10.73
CA TYR A 144 -4.62 8.33 -11.94
C TYR A 144 -4.93 9.80 -11.86
N THR A 145 -5.31 10.34 -10.68
CA THR A 145 -5.72 11.73 -10.56
C THR A 145 -4.91 12.33 -9.42
N SER A 146 -5.44 12.37 -8.19
CA SER A 146 -4.68 12.98 -7.07
C SER A 146 -3.50 12.14 -6.66
N ASN A 147 -3.59 10.84 -6.88
CA ASN A 147 -2.55 9.89 -6.49
C ASN A 147 -2.23 9.95 -4.98
N LEU A 148 -3.29 10.05 -4.16
CA LEU A 148 -3.16 10.20 -2.71
C LEU A 148 -2.37 9.03 -2.12
N GLU A 149 -1.37 9.32 -1.30
CA GLU A 149 -0.53 8.30 -0.67
C GLU A 149 -1.38 7.48 0.27
N TYR A 150 -0.92 6.31 0.62
CA TYR A 150 -1.77 5.42 1.42
C TYR A 150 -1.40 5.32 2.90
N TYR A 151 -1.07 6.47 3.48
CA TYR A 151 -0.69 6.63 4.91
C TYR A 151 -1.30 7.89 5.54
N GLY A 152 -1.60 7.75 6.82
CA GLY A 152 -2.00 8.91 7.60
C GLY A 152 -3.26 9.52 6.97
N GLU A 153 -3.34 10.85 7.02
CA GLU A 153 -4.52 11.57 6.51
C GLU A 153 -4.71 11.40 5.03
N SER A 154 -3.59 11.44 4.28
CA SER A 154 -3.66 11.17 2.77
C SER A 154 -4.34 9.85 2.53
N GLY A 155 -3.92 8.83 3.28
CA GLY A 155 -4.42 7.46 3.02
C GLY A 155 -5.94 7.40 3.47
N ALA A 156 -6.31 8.11 4.53
CA ALA A 156 -7.71 8.19 4.95
C ALA A 156 -8.57 8.87 3.91
N LEU A 157 -7.98 9.85 3.23
CA LEU A 157 -8.72 10.54 2.16
C LEU A 157 -8.93 9.58 1.01
N ASN A 158 -7.88 8.85 0.67
CA ASN A 158 -7.95 7.83 -0.37
C ASN A 158 -9.12 6.87 -0.13
N GLU A 159 -9.14 6.28 1.06
CA GLU A 159 -10.29 5.47 1.54
C GLU A 159 -11.66 6.13 1.46
N ALA A 160 -11.74 7.36 1.95
CA ALA A 160 -13.02 8.10 2.01
C ALA A 160 -13.54 8.39 0.63
N PHE A 161 -12.65 8.68 -0.32
CA PHE A 161 -13.17 8.98 -1.68
C PHE A 161 -13.72 7.66 -2.26
N SER A 162 -13.06 6.54 -2.01
CA SER A 162 -13.55 5.25 -2.50
C SER A 162 -14.95 4.88 -1.89
N ASP A 163 -15.12 5.22 -0.61
CA ASP A 163 -16.47 5.01 0.04
C ASP A 163 -17.54 5.99 -0.48
N VAL A 164 -17.19 7.26 -0.63
CA VAL A 164 -18.15 8.26 -1.15
C VAL A 164 -18.62 7.78 -2.51
N ILE A 165 -17.69 7.45 -3.44
CA ILE A 165 -18.13 7.03 -4.80
C ILE A 165 -18.86 5.68 -4.78
N GLY A 166 -18.32 4.64 -4.10
CA GLY A 166 -18.96 3.32 -4.04
C GLY A 166 -20.36 3.48 -3.54
N ASN A 167 -20.52 4.17 -2.43
CA ASN A 167 -21.85 4.42 -1.86
C ASN A 167 -22.82 5.17 -2.84
N ASP A 168 -22.28 6.15 -3.56
CA ASP A 168 -23.09 6.99 -4.43
C ASP A 168 -23.59 6.21 -5.66
N ILE A 169 -22.82 5.21 -6.07
CA ILE A 169 -23.17 4.42 -7.25
C ILE A 169 -24.46 3.68 -6.95
N GLN A 170 -24.56 3.07 -5.77
CA GLN A 170 -25.71 2.22 -5.46
C GLN A 170 -26.92 3.06 -4.92
N ARG A 171 -26.64 4.04 -4.05
CA ARG A 171 -27.62 4.89 -3.43
C ARG A 171 -28.72 4.25 -2.63
N LYS A 172 -28.45 3.08 -2.06
CA LYS A 172 -29.44 2.34 -1.28
C LYS A 172 -29.61 2.96 0.13
N ASN A 173 -28.56 3.52 0.70
CA ASN A 173 -28.52 3.91 2.13
C ASN A 173 -27.19 4.63 2.37
N TRP A 174 -26.75 4.79 3.61
CA TRP A 174 -25.50 5.50 3.91
C TRP A 174 -24.44 4.50 4.32
N LEU A 175 -24.59 3.22 3.89
CA LEU A 175 -23.74 2.18 4.42
C LEU A 175 -22.67 1.79 3.35
N VAL A 176 -21.60 1.17 3.85
CA VAL A 176 -20.62 0.50 2.96
C VAL A 176 -20.46 -1.00 3.28
N GLY A 177 -20.59 -1.86 2.26
CA GLY A 177 -20.29 -3.25 2.44
C GLY A 177 -21.50 -3.96 3.07
N ASP A 178 -22.62 -3.28 3.21
CA ASP A 178 -23.77 -3.92 3.89
C ASP A 178 -24.29 -5.19 3.15
N ASP A 179 -24.15 -5.21 1.82
CA ASP A 179 -24.67 -6.41 1.11
C ASP A 179 -23.87 -7.65 1.33
N ILE A 180 -22.60 -7.55 1.74
CA ILE A 180 -21.82 -8.77 1.83
C ILE A 180 -21.34 -9.06 3.24
N TYR A 181 -21.76 -8.25 4.22
CA TYR A 181 -21.23 -8.41 5.60
C TYR A 181 -22.27 -9.12 6.45
N THR A 182 -21.79 -10.13 7.21
CA THR A 182 -22.62 -10.86 8.22
C THR A 182 -23.97 -11.25 7.63
N PRO A 183 -23.97 -12.27 6.77
CA PRO A 183 -25.29 -12.54 6.19
C PRO A 183 -26.38 -12.96 7.22
N ASN A 184 -25.99 -13.36 8.43
CA ASN A 184 -26.98 -13.67 9.47
C ASN A 184 -27.47 -12.49 10.34
N ILE A 185 -27.19 -11.22 9.96
CA ILE A 185 -27.63 -10.00 10.69
C ILE A 185 -28.07 -8.87 9.71
N ALA A 186 -29.35 -8.54 9.71
CA ALA A 186 -29.87 -7.42 8.94
C ALA A 186 -29.41 -6.07 9.46
N GLY A 187 -29.14 -5.19 8.52
CA GLY A 187 -29.00 -3.75 8.71
C GLY A 187 -27.71 -3.18 9.29
N ASP A 188 -26.73 -4.03 9.54
CA ASP A 188 -25.32 -3.67 9.89
C ASP A 188 -24.49 -3.56 8.59
N ALA A 189 -23.21 -3.32 8.75
CA ALA A 189 -22.36 -2.90 7.62
C ALA A 189 -20.93 -2.89 8.04
N LEU A 190 -20.03 -2.82 7.07
CA LEU A 190 -18.63 -2.61 7.36
C LEU A 190 -18.39 -1.21 7.93
N ARG A 191 -19.01 -0.20 7.31
CA ARG A 191 -18.90 1.21 7.75
C ARG A 191 -20.20 1.91 7.57
N SER A 192 -20.43 2.89 8.41
CA SER A 192 -21.54 3.78 8.19
C SER A 192 -21.04 5.17 7.91
N MET A 193 -21.54 5.76 6.87
CA MET A 193 -21.18 7.15 6.58
C MET A 193 -21.97 8.20 7.41
N SER A 194 -23.25 7.87 7.72
CA SER A 194 -24.11 8.77 8.50
C SER A 194 -23.72 8.73 10.01
N ASN A 195 -23.23 7.57 10.48
CA ASN A 195 -22.91 7.39 11.93
C ASN A 195 -21.66 6.49 12.10
N PRO A 196 -20.48 7.04 11.73
CA PRO A 196 -19.28 6.23 11.66
C PRO A 196 -18.95 5.47 12.92
N THR A 197 -19.25 6.07 14.10
CA THR A 197 -18.86 5.43 15.38
C THR A 197 -19.60 4.10 15.68
N LEU A 198 -20.64 3.79 14.95
CA LEU A 198 -21.33 2.55 15.04
C LEU A 198 -20.42 1.35 14.78
N TYR A 199 -19.35 1.60 14.00
CA TYR A 199 -18.40 0.57 13.55
C TYR A 199 -16.99 1.02 13.90
N ASP A 200 -16.87 1.74 15.01
CA ASP A 200 -15.57 2.08 15.61
C ASP A 200 -14.69 2.95 14.71
N GLN A 201 -15.32 3.77 13.86
CA GLN A 201 -14.57 4.84 13.19
C GLN A 201 -14.88 6.15 13.89
N PRO A 202 -13.92 7.08 13.98
CA PRO A 202 -14.19 8.38 14.48
C PRO A 202 -15.13 9.15 13.47
N ASP A 203 -15.94 10.09 13.98
CA ASP A 203 -16.74 11.02 13.14
C ASP A 203 -16.37 12.49 13.30
N HIS A 204 -15.29 12.76 14.06
CA HIS A 204 -14.84 14.12 14.33
C HIS A 204 -13.35 14.08 14.49
N TYR A 205 -12.69 15.17 14.10
CA TYR A 205 -11.26 15.23 14.03
C TYR A 205 -10.61 15.14 15.42
N SER A 206 -11.37 15.53 16.44
CA SER A 206 -10.83 15.48 17.79
C SER A 206 -10.65 14.03 18.23
N ASN A 207 -11.14 13.02 17.48
CA ASN A 207 -10.91 11.57 17.80
C ASN A 207 -10.12 10.87 16.71
N LEU A 208 -9.36 11.69 15.98
CA LEU A 208 -8.45 11.10 14.96
C LEU A 208 -7.59 9.99 15.54
N TYR A 209 -7.54 8.86 14.82
CA TYR A 209 -6.63 7.76 15.23
C TYR A 209 -5.17 8.14 14.84
N THR A 210 -4.27 8.03 15.80
CA THR A 210 -2.88 8.51 15.57
C THR A 210 -1.85 7.37 15.86
N GLY A 211 -2.33 6.12 15.89
CA GLY A 211 -1.44 4.99 16.00
C GLY A 211 -0.89 4.60 14.66
N SER A 212 0.05 3.65 14.66
CA SER A 212 0.66 3.22 13.40
C SER A 212 0.00 2.06 12.66
N SER A 213 -1.04 1.41 13.22
CA SER A 213 -1.56 0.17 12.58
C SER A 213 -2.37 0.61 11.38
N ASP A 214 -2.54 -0.33 10.44
CA ASP A 214 -3.32 -0.06 9.25
C ASP A 214 -2.81 1.22 8.53
N ASN A 215 -1.49 1.31 8.31
CA ASN A 215 -0.87 2.48 7.65
C ASN A 215 -1.25 3.83 8.28
N GLY A 216 -1.27 3.81 9.59
CA GLY A 216 -1.69 4.96 10.32
C GLY A 216 -3.19 5.22 10.32
N GLY A 217 -3.97 4.16 10.27
CA GLY A 217 -5.42 4.32 10.52
C GLY A 217 -6.28 4.65 9.30
N VAL A 218 -5.86 4.25 8.11
CA VAL A 218 -6.52 4.74 6.88
C VAL A 218 -7.97 4.25 6.76
N HIS A 219 -8.26 3.02 7.24
CA HIS A 219 -9.68 2.55 7.25
C HIS A 219 -10.46 3.00 8.46
N THR A 220 -9.74 3.60 9.41
CA THR A 220 -10.41 4.17 10.59
C THR A 220 -10.77 5.66 10.35
N ASN A 221 -9.77 6.52 10.02
CA ASN A 221 -9.93 7.91 9.95
C ASN A 221 -10.79 8.37 8.77
N SER A 222 -11.02 7.46 7.80
CA SER A 222 -11.92 7.85 6.70
C SER A 222 -13.31 8.22 7.26
N GLY A 223 -13.67 7.63 8.41
CA GLY A 223 -14.98 7.94 9.03
C GLY A 223 -15.23 9.46 9.12
N ILE A 224 -14.18 10.27 9.39
CA ILE A 224 -14.32 11.70 9.56
C ILE A 224 -14.75 12.43 8.27
N ILE A 225 -14.04 12.03 7.22
CA ILE A 225 -14.38 12.55 5.87
C ILE A 225 -15.74 12.03 5.37
N ASN A 226 -16.10 10.80 5.72
CA ASN A 226 -17.36 10.21 5.21
C ASN A 226 -18.45 10.98 5.93
N LYS A 227 -18.22 11.32 7.17
CA LYS A 227 -19.20 12.13 7.94
C LYS A 227 -19.38 13.54 7.34
N ALA A 228 -18.29 14.15 6.89
CA ALA A 228 -18.36 15.49 6.28
C ALA A 228 -19.18 15.39 5.00
N TYR A 229 -18.98 14.34 4.22
CA TYR A 229 -19.69 14.21 2.95
C TYR A 229 -21.20 14.02 3.25
N TYR A 230 -21.52 13.15 4.23
CA TYR A 230 -22.88 12.90 4.66
C TYR A 230 -23.57 14.23 5.08
N LEU A 231 -22.91 15.02 5.92
CA LEU A 231 -23.43 16.35 6.34
C LEU A 231 -23.61 17.31 5.17
N LEU A 232 -22.66 17.30 4.23
CA LEU A 232 -22.87 18.16 3.04
C LEU A 232 -24.08 17.73 2.21
N ALA A 233 -24.28 16.42 2.05
CA ALA A 233 -25.35 15.91 1.20
C ALA A 233 -26.69 15.98 1.95
N GLN A 234 -26.72 15.41 3.16
CA GLN A 234 -27.99 15.23 3.81
C GLN A 234 -28.34 16.42 4.72
N GLY A 235 -27.31 17.16 5.21
CA GLY A 235 -27.49 18.20 6.22
C GLY A 235 -27.58 17.60 7.62
N GLY A 236 -27.44 18.45 8.62
CA GLY A 236 -27.60 18.04 10.03
C GLY A 236 -27.00 19.07 10.94
N THR A 237 -27.19 18.91 12.25
CA THR A 237 -26.51 19.69 13.22
C THR A 237 -25.61 18.72 14.00
N PHE A 238 -24.30 19.01 14.02
CA PHE A 238 -23.30 18.13 14.60
C PHE A 238 -22.22 18.98 15.25
N HIS A 239 -21.88 18.65 16.50
CA HIS A 239 -20.92 19.48 17.23
C HIS A 239 -21.31 20.94 17.12
N GLY A 240 -22.59 21.20 17.27
CA GLY A 240 -23.02 22.56 17.39
C GLY A 240 -23.12 23.28 16.04
N VAL A 241 -22.66 22.64 14.95
CA VAL A 241 -22.62 23.33 13.64
C VAL A 241 -23.79 22.80 12.80
N THR A 242 -24.61 23.69 12.25
CA THR A 242 -25.70 23.31 11.35
C THR A 242 -25.22 23.48 9.89
N VAL A 243 -25.35 22.38 9.15
CA VAL A 243 -24.98 22.30 7.73
C VAL A 243 -26.35 22.16 6.99
N ASN A 244 -26.64 23.04 6.03
CA ASN A 244 -27.83 22.90 5.25
C ASN A 244 -27.42 21.92 4.10
N GLY A 245 -28.09 20.77 4.00
CA GLY A 245 -27.78 19.70 2.98
C GLY A 245 -28.02 20.21 1.58
N ILE A 246 -27.18 19.76 0.65
CA ILE A 246 -27.31 20.21 -0.70
C ILE A 246 -27.69 19.05 -1.65
N GLY A 247 -27.87 17.83 -1.11
CA GLY A 247 -28.30 16.62 -1.84
C GLY A 247 -27.08 15.91 -2.39
N ARG A 248 -27.23 14.63 -2.61
CA ARG A 248 -26.13 13.75 -3.11
C ARG A 248 -25.62 14.24 -4.48
N ASP A 249 -26.55 14.68 -5.37
CA ASP A 249 -26.10 15.01 -6.74
C ASP A 249 -25.01 16.06 -6.79
N ALA A 250 -25.24 17.14 -6.04
CA ALA A 250 -24.34 18.25 -5.98
C ALA A 250 -23.11 17.87 -5.12
N ALA A 251 -23.36 17.16 -4.01
CA ALA A 251 -22.23 16.82 -3.08
C ALA A 251 -21.21 15.98 -3.87
N VAL A 252 -21.68 15.00 -4.66
CA VAL A 252 -20.76 14.01 -5.33
C VAL A 252 -20.04 14.72 -6.47
N GLN A 253 -20.72 15.71 -7.13
CA GLN A 253 -19.94 16.55 -8.13
C GLN A 253 -18.84 17.32 -7.51
N ILE A 254 -19.12 17.89 -6.35
CA ILE A 254 -18.16 18.72 -5.58
C ILE A 254 -16.96 17.83 -5.15
N TYR A 255 -17.25 16.69 -4.51
CA TYR A 255 -16.18 15.75 -4.09
C TYR A 255 -15.39 15.16 -5.29
N TYR A 256 -16.06 14.82 -6.40
CA TYR A 256 -15.35 14.34 -7.55
C TYR A 256 -14.34 15.35 -8.06
N SER A 257 -14.76 16.60 -8.29
CA SER A 257 -13.80 17.66 -8.69
C SER A 257 -12.73 17.88 -7.62
N ALA A 258 -13.13 18.02 -6.36
CA ALA A 258 -12.15 18.20 -5.31
C ALA A 258 -10.99 17.17 -5.32
N PHE A 259 -11.36 15.89 -5.40
CA PHE A 259 -10.44 14.78 -5.18
C PHE A 259 -9.71 14.43 -6.45
N THR A 260 -10.24 14.84 -7.63
CA THR A 260 -9.48 14.54 -8.86
C THR A 260 -8.76 15.81 -9.42
N ASN A 261 -9.27 17.01 -9.20
CA ASN A 261 -8.64 18.24 -9.75
C ASN A 261 -7.76 18.90 -8.74
N TYR A 262 -8.11 18.87 -7.44
CA TYR A 262 -7.37 19.71 -6.50
C TYR A 262 -6.47 19.02 -5.54
N LEU A 263 -6.81 17.81 -5.08
CA LEU A 263 -5.89 17.18 -4.15
C LEU A 263 -4.66 16.58 -4.85
N THR A 264 -3.58 16.44 -4.06
CA THR A 264 -2.35 15.81 -4.60
C THR A 264 -1.83 14.78 -3.61
N SER A 265 -0.71 14.13 -3.90
CA SER A 265 -0.42 12.85 -3.21
C SER A 265 -0.22 13.00 -1.70
N SER A 266 0.13 14.20 -1.26
CA SER A 266 0.45 14.46 0.16
CA SER A 266 0.44 14.43 0.15
C SER A 266 -0.67 15.19 0.89
N SER A 267 -1.81 15.34 0.26
CA SER A 267 -2.89 16.20 0.83
C SER A 267 -3.34 15.64 2.12
N ASP A 268 -3.65 16.52 3.08
CA ASP A 268 -4.26 16.10 4.37
C ASP A 268 -5.66 16.69 4.48
N PHE A 269 -6.27 16.55 5.65
CA PHE A 269 -7.74 16.83 5.78
C PHE A 269 -8.00 18.32 5.56
N SER A 270 -7.11 19.15 6.09
CA SER A 270 -7.14 20.56 5.84
C SER A 270 -7.11 20.90 4.34
N ASN A 271 -6.28 20.20 3.57
CA ASN A 271 -6.22 20.48 2.13
C ASN A 271 -7.56 20.05 1.53
N ALA A 272 -8.10 18.92 2.02
CA ALA A 272 -9.39 18.44 1.50
C ALA A 272 -10.54 19.43 1.76
N ARG A 273 -10.52 20.12 2.92
CA ARG A 273 -11.52 21.10 3.20
C ARG A 273 -11.42 22.21 2.14
N ALA A 274 -10.19 22.64 1.87
CA ALA A 274 -9.92 23.72 0.88
C ALA A 274 -10.37 23.34 -0.52
N ALA A 275 -10.17 22.05 -0.85
CA ALA A 275 -10.46 21.56 -2.19
C ALA A 275 -11.94 21.42 -2.38
N VAL A 276 -12.62 20.99 -1.32
CA VAL A 276 -14.06 20.82 -1.41
C VAL A 276 -14.71 22.26 -1.48
N ILE A 277 -14.26 23.23 -0.65
CA ILE A 277 -14.75 24.61 -0.74
C ILE A 277 -14.52 25.13 -2.15
N GLN A 278 -13.30 24.94 -2.69
CA GLN A 278 -13.00 25.42 -4.08
C GLN A 278 -13.94 24.82 -5.14
N ALA A 279 -14.13 23.51 -5.13
CA ALA A 279 -15.02 22.84 -6.12
C ALA A 279 -16.45 23.40 -5.99
N ALA A 280 -16.93 23.56 -4.75
CA ALA A 280 -18.26 24.13 -4.54
C ALA A 280 -18.31 25.57 -5.14
N LYS A 281 -17.27 26.40 -4.88
CA LYS A 281 -17.19 27.70 -5.55
C LYS A 281 -17.18 27.66 -7.08
N ASP A 282 -16.39 26.73 -7.65
CA ASP A 282 -16.31 26.56 -9.10
C ASP A 282 -17.72 26.35 -9.64
N GLN A 283 -18.47 25.46 -8.98
CA GLN A 283 -19.68 24.88 -9.52
C GLN A 283 -20.94 25.69 -9.17
N TYR A 284 -20.94 26.39 -8.03
CA TYR A 284 -22.16 27.12 -7.58
C TYR A 284 -21.98 28.65 -7.31
N GLY A 285 -20.73 29.08 -7.22
CA GLY A 285 -20.38 30.49 -6.97
C GLY A 285 -19.75 30.66 -5.61
N ALA A 286 -18.92 31.70 -5.49
CA ALA A 286 -18.09 31.92 -4.31
C ALA A 286 -18.86 32.06 -3.00
N ASN A 287 -20.03 32.71 -3.05
CA ASN A 287 -20.86 32.99 -1.84
C ASN A 287 -22.21 32.19 -1.82
N SER A 288 -22.28 31.15 -2.63
CA SER A 288 -23.49 30.32 -2.83
C SER A 288 -23.83 29.46 -1.60
N ALA A 289 -25.08 28.95 -1.52
CA ALA A 289 -25.49 28.05 -0.40
C ALA A 289 -24.56 26.81 -0.37
N GLU A 290 -24.20 26.35 -1.55
CA GLU A 290 -23.33 25.17 -1.70
C GLU A 290 -21.94 25.43 -1.14
N ALA A 291 -21.28 26.53 -1.50
CA ALA A 291 -19.98 26.87 -0.97
C ALA A 291 -20.06 27.08 0.56
N THR A 292 -21.17 27.67 1.05
CA THR A 292 -21.29 27.82 2.50
C THR A 292 -21.45 26.44 3.18
N ALA A 293 -22.27 25.56 2.58
CA ALA A 293 -22.46 24.19 3.17
C ALA A 293 -21.11 23.42 3.24
N ALA A 294 -20.33 23.51 2.15
CA ALA A 294 -18.99 22.86 2.06
C ALA A 294 -18.13 23.27 3.22
N ALA A 295 -18.05 24.57 3.46
CA ALA A 295 -17.25 25.04 4.63
C ALA A 295 -17.84 24.55 6.00
N LYS A 296 -19.17 24.69 6.20
CA LYS A 296 -19.75 24.21 7.42
C LYS A 296 -19.56 22.70 7.64
N SER A 297 -19.67 21.87 6.59
CA SER A 297 -19.52 20.43 6.80
C SER A 297 -18.16 20.13 7.44
N PHE A 298 -17.11 20.82 6.98
CA PHE A 298 -15.79 20.69 7.62
C PHE A 298 -15.65 21.34 8.99
N ASP A 299 -16.31 22.49 9.22
CA ASP A 299 -16.37 23.05 10.62
C ASP A 299 -16.96 21.95 11.57
N ALA A 300 -18.06 21.33 11.10
CA ALA A 300 -18.78 20.35 11.89
C ALA A 300 -17.93 19.16 12.31
N VAL A 301 -17.03 18.66 11.43
CA VAL A 301 -16.26 17.50 11.80
C VAL A 301 -14.90 17.89 12.37
N GLY A 302 -14.68 19.21 12.58
CA GLY A 302 -13.53 19.75 13.39
C GLY A 302 -12.26 19.84 12.54
N VAL A 303 -12.45 19.98 11.21
CA VAL A 303 -11.30 20.11 10.30
C VAL A 303 -11.24 21.55 9.87
N ASN A 304 -10.23 22.28 10.31
CA ASN A 304 -10.26 23.72 10.04
C ASN A 304 -9.34 24.12 8.93
N ALA B 1 29.27 21.64 4.62
CA ALA B 1 29.83 21.73 5.99
C ALA B 1 29.80 20.34 6.57
N THR B 2 30.50 20.12 7.69
CA THR B 2 30.43 18.74 8.27
C THR B 2 29.91 18.78 9.67
N GLY B 3 28.76 18.13 9.88
CA GLY B 3 28.14 18.16 11.20
C GLY B 3 28.57 16.92 11.95
N THR B 4 28.46 16.96 13.26
CA THR B 4 28.69 15.77 14.08
C THR B 4 27.54 15.64 15.08
N GLY B 5 27.37 14.45 15.61
CA GLY B 5 26.34 14.20 16.61
C GLY B 5 26.20 12.73 16.88
N LYS B 6 25.49 12.40 17.94
CA LYS B 6 25.32 11.03 18.36
C LYS B 6 24.09 10.38 17.69
N GLY B 7 24.19 9.10 17.30
CA GLY B 7 23.02 8.37 16.82
C GLY B 7 22.12 7.90 17.98
N VAL B 8 21.07 7.19 17.62
CA VAL B 8 20.11 6.58 18.56
C VAL B 8 20.89 5.72 19.58
N LEU B 9 21.90 4.97 19.09
CA LEU B 9 22.63 4.04 19.96
C LEU B 9 23.79 4.73 20.72
N GLY B 10 23.93 6.07 20.56
CA GLY B 10 24.92 6.85 21.33
C GLY B 10 26.31 6.98 20.70
N ASP B 11 26.47 6.47 19.47
CA ASP B 11 27.76 6.52 18.76
C ASP B 11 27.82 7.86 18.03
N THR B 12 28.94 8.56 18.17
CA THR B 12 29.17 9.86 17.51
C THR B 12 29.52 9.62 16.05
N LYS B 13 28.85 10.33 15.16
CA LYS B 13 29.25 10.15 13.73
C LYS B 13 29.23 11.52 13.05
N SER B 14 29.77 11.55 11.83
CA SER B 14 29.78 12.83 11.08
C SER B 14 28.99 12.68 9.78
N PHE B 15 28.58 13.80 9.18
CA PHE B 15 27.65 13.70 8.01
C PHE B 15 27.74 15.16 7.45
N THR B 16 27.22 15.34 6.23
CA THR B 16 27.23 16.58 5.53
C THR B 16 26.01 17.40 5.80
N THR B 17 26.27 18.69 6.15
CA THR B 17 25.16 19.66 6.40
C THR B 17 25.37 20.89 5.52
N THR B 18 24.43 21.84 5.54
CA THR B 18 24.50 23.00 4.65
C THR B 18 24.42 24.22 5.51
N ALA B 19 25.43 25.13 5.47
CA ALA B 19 25.22 26.50 6.06
C ALA B 19 24.06 27.25 5.38
N SER B 20 23.13 27.75 6.20
CA SER B 20 21.91 28.40 5.72
C SER B 20 21.46 29.44 6.73
N GLY B 21 21.17 30.69 6.29
CA GLY B 21 20.99 31.76 7.29
C GLY B 21 22.21 31.74 8.18
N SER B 22 22.02 31.95 9.50
CA SER B 22 23.13 31.82 10.47
C SER B 22 23.20 30.52 11.29
N SER B 23 22.69 29.42 10.74
CA SER B 23 22.84 28.15 11.39
C SER B 23 23.08 27.08 10.31
N TYR B 24 22.69 25.81 10.53
CA TYR B 24 23.05 24.69 9.57
C TYR B 24 21.81 23.88 9.42
N GLN B 25 21.56 23.47 8.21
CA GLN B 25 20.48 22.56 7.91
C GLN B 25 21.02 21.16 7.73
N LEU B 26 20.20 20.21 8.13
CA LEU B 26 20.48 18.79 7.93
C LEU B 26 20.22 18.40 6.44
N LYS B 27 21.12 18.90 5.58
CA LYS B 27 20.93 18.81 4.14
C LYS B 27 22.31 18.62 3.51
N ASP B 28 22.41 17.58 2.68
CA ASP B 28 23.64 17.15 2.04
C ASP B 28 23.39 17.21 0.56
N THR B 29 23.97 18.26 -0.09
CA THR B 29 23.68 18.48 -1.52
C THR B 29 24.74 17.77 -2.31
N THR B 30 25.61 16.98 -1.65
CA THR B 30 26.67 16.30 -2.42
C THR B 30 26.24 14.92 -2.99
N ARG B 31 25.07 14.39 -2.62
CA ARG B 31 24.72 13.06 -3.06
C ARG B 31 23.51 13.09 -3.94
N GLY B 32 23.65 12.70 -5.21
CA GLY B 32 22.49 12.88 -6.14
C GLY B 32 21.85 14.24 -6.07
N ASN B 33 20.50 14.31 -6.06
CA ASN B 33 19.80 15.63 -5.89
C ASN B 33 19.63 16.08 -4.43
N GLY B 34 20.38 15.45 -3.53
CA GLY B 34 20.39 15.90 -2.11
C GLY B 34 19.95 14.73 -1.21
N VAL B 35 20.40 14.76 0.06
CA VAL B 35 19.85 14.02 1.17
C VAL B 35 19.38 15.12 2.15
N VAL B 36 18.09 15.10 2.53
CA VAL B 36 17.57 16.18 3.34
C VAL B 36 16.67 15.58 4.40
N THR B 37 16.87 15.99 5.65
CA THR B 37 16.25 15.39 6.78
C THR B 37 15.55 16.44 7.60
N TYR B 38 14.30 16.08 7.86
CA TYR B 38 13.26 16.96 8.43
C TYR B 38 12.77 16.38 9.76
N THR B 39 12.17 17.24 10.58
CA THR B 39 11.44 16.76 11.77
C THR B 39 9.92 17.06 11.58
N ALA B 40 9.05 16.12 12.02
CA ALA B 40 7.61 16.33 12.02
C ALA B 40 7.13 16.88 13.38
N SER B 41 8.07 17.10 14.31
CA SER B 41 7.81 17.77 15.60
C SER B 41 6.72 17.01 16.35
N ASN B 42 6.76 15.66 16.26
CA ASN B 42 5.79 14.77 16.93
C ASN B 42 4.32 14.94 16.44
N ARG B 43 4.14 15.49 15.26
CA ARG B 43 2.85 15.60 14.58
C ARG B 43 2.96 14.76 13.32
N GLN B 44 1.92 14.72 12.50
CA GLN B 44 1.96 13.92 11.28
C GLN B 44 1.94 14.70 9.93
N SER B 45 2.19 16.01 9.90
CA SER B 45 2.44 16.70 8.59
C SER B 45 3.80 16.32 8.11
N ILE B 46 3.90 15.93 6.84
CA ILE B 46 5.17 15.65 6.23
C ILE B 46 5.38 16.51 4.96
N PRO B 47 6.64 16.84 4.65
CA PRO B 47 7.87 16.38 5.31
C PRO B 47 8.11 17.05 6.66
N GLY B 48 7.36 18.09 7.01
CA GLY B 48 7.57 18.77 8.29
C GLY B 48 8.56 19.89 8.00
N THR B 49 9.53 20.10 8.88
CA THR B 49 10.53 21.21 8.67
C THR B 49 12.02 20.70 8.66
N ILE B 50 12.87 21.35 7.91
CA ILE B 50 14.23 20.81 7.72
C ILE B 50 14.90 20.97 9.09
N LEU B 51 15.56 19.91 9.60
CA LEU B 51 16.25 20.05 10.88
C LEU B 51 17.37 21.10 10.83
N THR B 52 17.47 21.93 11.89
CA THR B 52 18.55 22.86 11.92
C THR B 52 19.25 22.82 13.24
N ASP B 53 20.49 23.31 13.22
CA ASP B 53 21.30 23.40 14.43
C ASP B 53 22.20 24.66 14.32
N ALA B 54 22.42 25.38 15.44
CA ALA B 54 23.25 26.60 15.43
C ALA B 54 24.72 26.33 15.21
N ASP B 55 25.27 25.28 15.80
CA ASP B 55 26.76 25.13 15.81
C ASP B 55 27.30 23.91 15.03
N ASN B 56 26.41 23.08 14.47
CA ASN B 56 26.80 21.89 13.70
C ASN B 56 27.31 20.74 14.60
N VAL B 57 27.04 20.85 15.92
CA VAL B 57 27.07 19.72 16.84
C VAL B 57 25.65 19.34 17.14
N TRP B 58 25.18 18.21 16.62
CA TRP B 58 23.72 17.97 16.61
C TRP B 58 23.27 17.19 17.79
N ASN B 59 22.09 17.55 18.29
CA ASN B 59 21.50 16.90 19.44
C ASN B 59 20.10 16.44 19.03
N ASP B 60 20.07 15.39 18.19
CA ASP B 60 18.82 14.82 17.67
C ASP B 60 19.20 13.45 17.15
N PRO B 61 19.29 12.45 18.05
CA PRO B 61 19.75 11.13 17.63
C PRO B 61 19.02 10.50 16.44
N ALA B 62 17.69 10.58 16.49
CA ALA B 62 16.85 10.12 15.37
C ALA B 62 17.18 10.77 14.04
N GLY B 63 17.37 12.05 14.08
CA GLY B 63 17.70 12.85 12.88
C GLY B 63 19.10 12.54 12.40
N VAL B 64 20.05 12.47 13.36
CA VAL B 64 21.40 12.11 12.98
C VAL B 64 21.42 10.80 12.22
N ASP B 65 20.79 9.74 12.76
CA ASP B 65 20.81 8.44 12.11
C ASP B 65 20.00 8.40 10.80
N ALA B 66 18.83 9.01 10.76
CA ALA B 66 18.10 9.02 9.47
C ALA B 66 18.96 9.67 8.35
N HIS B 67 19.61 10.77 8.66
CA HIS B 67 20.45 11.51 7.72
C HIS B 67 21.66 10.74 7.33
N THR B 68 22.35 10.15 8.37
CA THR B 68 23.61 9.46 8.11
C THR B 68 23.37 8.19 7.35
N TYR B 69 22.35 7.43 7.75
CA TYR B 69 22.12 6.19 7.11
C TYR B 69 21.47 6.38 5.75
N ALA B 70 20.70 7.48 5.53
CA ALA B 70 20.28 7.79 4.13
C ALA B 70 21.49 8.01 3.22
N ALA B 71 22.49 8.77 3.73
CA ALA B 71 23.71 9.11 2.95
C ALA B 71 24.53 7.79 2.72
N LYS B 72 24.69 6.98 3.78
CA LYS B 72 25.31 5.63 3.65
C LYS B 72 24.57 4.65 2.69
N THR B 73 23.26 4.66 2.71
CA THR B 73 22.44 3.86 1.78
C THR B 73 22.63 4.30 0.37
N TYR B 74 22.64 5.62 0.14
CA TYR B 74 23.01 6.21 -1.19
C TYR B 74 24.40 5.73 -1.66
N ASP B 75 25.43 5.90 -0.80
CA ASP B 75 26.79 5.37 -1.11
C ASP B 75 26.84 3.87 -1.37
N TYR B 76 26.08 3.13 -0.57
CA TYR B 76 26.02 1.67 -0.78
C TYR B 76 25.44 1.24 -2.14
N TYR B 77 24.33 1.82 -2.53
CA TYR B 77 23.69 1.48 -3.83
C TYR B 77 24.62 1.87 -4.96
N LYS B 78 25.31 2.99 -4.82
CA LYS B 78 26.31 3.40 -5.86
C LYS B 78 27.55 2.52 -5.93
N ALA B 79 28.16 2.25 -4.79
CA ALA B 79 29.38 1.48 -4.80
C ALA B 79 29.11 -0.01 -5.14
N LYS B 80 27.99 -0.58 -4.62
CA LYS B 80 27.71 -1.99 -4.83
C LYS B 80 27.08 -2.38 -6.18
N PHE B 81 26.16 -1.51 -6.65
CA PHE B 81 25.39 -1.83 -7.81
C PHE B 81 25.47 -0.73 -8.90
N GLY B 82 26.15 0.32 -8.59
CA GLY B 82 26.42 1.48 -9.50
C GLY B 82 25.16 2.28 -9.73
N ARG B 83 24.16 2.15 -8.87
CA ARG B 83 22.88 2.81 -8.99
C ARG B 83 22.93 4.22 -8.37
N ASN B 84 22.33 5.23 -9.03
CA ASN B 84 22.33 6.59 -8.47
C ASN B 84 20.99 6.88 -7.81
N SER B 85 20.90 6.61 -6.51
CA SER B 85 19.65 6.82 -5.76
C SER B 85 18.51 5.86 -6.07
N ILE B 86 17.34 6.17 -5.51
CA ILE B 86 16.13 5.27 -5.54
C ILE B 86 15.65 4.98 -6.97
N ASP B 87 15.63 6.01 -7.79
CA ASP B 87 15.10 5.87 -9.16
C ASP B 87 16.22 5.70 -10.19
N GLY B 88 17.48 5.73 -9.76
CA GLY B 88 18.57 5.49 -10.74
C GLY B 88 18.91 6.88 -11.33
N ARG B 89 18.17 7.90 -10.95
CA ARG B 89 18.34 9.22 -11.59
C ARG B 89 18.58 10.30 -10.56
N GLY B 90 19.09 9.86 -9.41
CA GLY B 90 19.47 10.77 -8.40
C GLY B 90 18.35 11.37 -7.58
N LEU B 91 17.21 10.70 -7.47
CA LEU B 91 16.11 11.32 -6.69
C LEU B 91 16.59 11.85 -5.35
N GLN B 92 16.11 13.04 -4.93
CA GLN B 92 16.46 13.58 -3.60
C GLN B 92 15.98 12.62 -2.52
N LEU B 93 16.84 12.27 -1.54
CA LEU B 93 16.39 11.37 -0.46
C LEU B 93 15.87 12.20 0.73
N ARG B 94 14.55 12.22 0.98
CA ARG B 94 13.95 13.04 2.00
C ARG B 94 13.52 12.06 3.10
N SER B 95 13.91 12.37 4.33
CA SER B 95 13.49 11.59 5.53
C SER B 95 12.85 12.53 6.54
N THR B 96 11.75 12.07 7.14
CA THR B 96 11.17 12.78 8.26
C THR B 96 11.26 11.91 9.56
N VAL B 97 11.88 12.46 10.62
CA VAL B 97 11.94 11.81 11.93
C VAL B 97 10.94 12.50 12.89
N HIS B 98 10.74 11.92 14.08
CA HIS B 98 9.77 12.52 15.08
C HIS B 98 8.36 12.61 14.49
N TYR B 99 8.00 11.60 13.70
CA TYR B 99 6.68 11.57 13.07
C TYR B 99 5.67 10.99 14.06
N GLY B 100 4.65 11.85 14.36
CA GLY B 100 3.58 11.50 15.26
C GLY B 100 4.06 11.33 16.71
N SER B 101 3.22 10.67 17.54
CA SER B 101 3.56 10.50 18.95
C SER B 101 3.53 9.02 19.37
N ARG B 102 4.66 8.51 19.87
CA ARG B 102 4.81 7.11 20.27
C ARG B 102 4.39 6.16 19.09
N TYR B 103 4.72 6.65 17.88
CA TYR B 103 4.39 6.06 16.60
C TYR B 103 5.22 4.84 16.29
N ASN B 104 4.56 3.64 16.34
CA ASN B 104 5.23 2.30 16.20
C ASN B 104 5.56 1.74 14.82
N ASN B 105 5.94 2.62 13.89
CA ASN B 105 6.36 2.12 12.60
C ASN B 105 7.23 3.21 11.89
N ALA B 106 7.81 2.78 10.78
CA ALA B 106 8.47 3.64 9.78
C ALA B 106 7.95 3.14 8.40
N PHE B 107 8.01 3.97 7.39
CA PHE B 107 7.54 3.57 6.08
C PHE B 107 8.08 4.46 4.96
N TRP B 108 8.14 3.86 3.77
CA TRP B 108 8.30 4.56 2.51
C TRP B 108 6.91 4.76 1.98
N ASN B 109 6.63 5.96 1.52
CA ASN B 109 5.26 6.29 1.11
C ASN B 109 5.13 6.62 -0.35
N GLY B 110 6.17 6.34 -1.14
CA GLY B 110 6.13 6.64 -2.59
C GLY B 110 6.95 7.85 -2.90
N SER B 111 7.30 8.65 -1.89
CA SER B 111 8.07 9.88 -2.10
CA SER B 111 8.13 9.84 -2.10
C SER B 111 9.27 10.06 -1.11
N GLN B 112 9.05 9.70 0.15
CA GLN B 112 10.04 9.89 1.19
C GLN B 112 10.01 8.74 2.21
N MET B 113 11.04 8.71 3.08
CA MET B 113 11.12 7.80 4.25
C MET B 113 10.55 8.58 5.47
N THR B 114 9.74 7.92 6.34
CA THR B 114 9.10 8.57 7.51
C THR B 114 9.28 7.63 8.72
N TYR B 115 9.79 8.18 9.82
CA TYR B 115 10.11 7.33 11.00
C TYR B 115 9.40 7.82 12.26
N GLY B 116 8.60 6.94 12.89
CA GLY B 116 8.10 7.26 14.23
C GLY B 116 9.32 7.13 15.20
N ASP B 117 9.12 7.65 16.40
CA ASP B 117 10.03 7.46 17.48
C ASP B 117 9.80 6.13 18.20
N GLY B 118 8.70 5.43 17.92
CA GLY B 118 8.40 4.25 18.70
C GLY B 118 7.76 4.62 20.07
N ASP B 119 7.23 3.61 20.74
CA ASP B 119 6.58 3.92 22.02
C ASP B 119 7.55 3.87 23.15
N GLY B 120 8.81 3.49 22.88
CA GLY B 120 9.80 3.52 23.93
C GLY B 120 9.93 2.20 24.64
N SER B 121 8.99 1.29 24.43
CA SER B 121 9.01 -0.05 25.05
CA SER B 121 9.11 -0.03 25.03
C SER B 121 9.11 -1.16 23.99
N THR B 122 8.20 -1.16 23.02
CA THR B 122 8.30 -2.11 21.90
C THR B 122 9.39 -1.67 20.86
N PHE B 123 9.44 -0.36 20.63
CA PHE B 123 10.38 0.23 19.65
C PHE B 123 10.96 1.53 20.15
N ILE B 124 12.18 1.83 19.71
CA ILE B 124 12.76 3.14 19.82
C ILE B 124 12.89 3.68 18.38
N ALA B 125 13.49 4.86 18.24
CA ALA B 125 13.43 5.60 16.98
C ALA B 125 13.89 4.70 15.80
N PHE B 126 13.04 4.58 14.77
CA PHE B 126 13.28 3.53 13.74
C PHE B 126 14.52 3.79 12.90
N SER B 127 14.91 5.06 12.78
CA SER B 127 16.09 5.35 12.01
C SER B 127 17.36 4.85 12.66
N GLY B 128 17.24 4.40 13.91
CA GLY B 128 18.42 3.91 14.67
C GLY B 128 19.02 2.59 14.26
N ASP B 129 18.39 1.87 13.32
CA ASP B 129 18.94 0.59 12.74
C ASP B 129 19.20 0.95 11.25
N PRO B 130 20.47 0.87 10.80
CA PRO B 130 20.68 1.02 9.37
C PRO B 130 19.95 -0.01 8.50
N ASP B 131 19.59 -1.19 9.01
CA ASP B 131 18.81 -2.13 8.22
C ASP B 131 17.33 -1.70 8.00
N VAL B 132 16.81 -0.85 8.89
CA VAL B 132 15.47 -0.37 8.76
C VAL B 132 15.49 0.77 7.72
N VAL B 133 16.49 1.67 7.82
CA VAL B 133 16.59 2.76 6.84
C VAL B 133 16.76 2.01 5.45
N GLY B 134 17.66 1.01 5.37
CA GLY B 134 17.85 0.21 4.13
C GLY B 134 16.56 -0.38 3.61
N HIS B 135 15.80 -1.04 4.52
CA HIS B 135 14.56 -1.68 4.20
C HIS B 135 13.58 -0.67 3.60
N GLU B 136 13.40 0.50 4.23
CA GLU B 136 12.41 1.47 3.72
C GLU B 136 12.81 2.08 2.39
N LEU B 137 14.09 2.44 2.25
CA LEU B 137 14.53 3.02 0.99
C LEU B 137 14.42 1.99 -0.11
N THR B 138 14.61 0.72 0.22
CA THR B 138 14.54 -0.31 -0.82
C THR B 138 13.14 -0.47 -1.34
N HIS B 139 12.12 -0.18 -0.53
CA HIS B 139 10.78 -0.11 -1.05
C HIS B 139 10.70 0.82 -2.25
N GLY B 140 11.40 1.94 -2.22
CA GLY B 140 11.36 2.97 -3.33
C GLY B 140 12.06 2.32 -4.54
N VAL B 141 13.18 1.67 -4.26
CA VAL B 141 13.97 0.97 -5.34
C VAL B 141 13.08 -0.04 -6.07
N THR B 142 12.28 -0.76 -5.32
CA THR B 142 11.34 -1.71 -5.88
C THR B 142 10.28 -0.98 -6.69
N GLU B 143 9.69 0.07 -6.12
CA GLU B 143 8.66 0.81 -6.90
C GLU B 143 9.15 1.31 -8.25
N TYR B 144 10.40 1.76 -8.31
CA TYR B 144 10.99 2.18 -9.58
C TYR B 144 11.51 1.06 -10.48
N THR B 145 11.42 -0.22 -10.07
CA THR B 145 12.09 -1.31 -10.83
C THR B 145 11.04 -2.39 -11.06
N SER B 146 10.99 -3.45 -10.25
CA SER B 146 9.98 -4.50 -10.43
C SER B 146 8.56 -4.04 -10.22
N ASN B 147 8.42 -3.00 -9.39
CA ASN B 147 7.13 -2.47 -9.01
C ASN B 147 6.21 -3.53 -8.44
N LEU B 148 6.81 -4.50 -7.67
CA LEU B 148 6.04 -5.53 -6.99
C LEU B 148 4.81 -5.05 -6.26
N GLU B 149 3.70 -5.70 -6.57
CA GLU B 149 2.43 -5.38 -5.88
C GLU B 149 2.50 -5.65 -4.38
N TYR B 150 1.64 -5.04 -3.58
CA TYR B 150 1.70 -5.02 -2.14
CA TYR B 150 1.84 -5.17 -2.12
C TYR B 150 0.84 -6.13 -1.48
N TYR B 151 0.54 -7.20 -2.21
CA TYR B 151 -0.36 -8.30 -1.80
C TYR B 151 0.18 -9.70 -2.11
N GLY B 152 -0.15 -10.66 -1.26
CA GLY B 152 0.09 -12.07 -1.54
C GLY B 152 1.56 -12.30 -1.73
N GLU B 153 1.92 -13.24 -2.59
CA GLU B 153 3.34 -13.53 -2.76
C GLU B 153 4.10 -12.40 -3.31
N SER B 154 3.54 -11.61 -4.23
CA SER B 154 4.23 -10.40 -4.75
CA SER B 154 4.27 -10.43 -4.74
C SER B 154 4.62 -9.46 -3.61
N GLY B 155 3.69 -9.24 -2.69
CA GLY B 155 3.92 -8.36 -1.59
C GLY B 155 4.97 -8.96 -0.62
N ALA B 156 5.00 -10.27 -0.44
CA ALA B 156 5.99 -10.94 0.45
C ALA B 156 7.38 -10.89 -0.20
N LEU B 157 7.42 -10.98 -1.54
CA LEU B 157 8.70 -10.73 -2.26
C LEU B 157 9.24 -9.27 -2.02
N ASN B 158 8.34 -8.30 -2.12
CA ASN B 158 8.64 -6.88 -1.97
C ASN B 158 9.25 -6.74 -0.55
N GLU B 159 8.59 -7.30 0.47
CA GLU B 159 9.13 -7.27 1.85
CA GLU B 159 9.13 -7.30 1.83
C GLU B 159 10.54 -7.89 1.94
N ALA B 160 10.69 -9.09 1.36
CA ALA B 160 11.93 -9.93 1.43
C ALA B 160 13.08 -9.13 0.81
N PHE B 161 12.83 -8.53 -0.35
CA PHE B 161 13.91 -7.75 -0.96
C PHE B 161 14.40 -6.58 -0.13
N SER B 162 13.46 -5.91 0.58
CA SER B 162 13.85 -4.82 1.44
C SER B 162 14.64 -5.36 2.66
N ASP B 163 14.25 -6.50 3.15
CA ASP B 163 15.03 -7.12 4.27
C ASP B 163 16.40 -7.53 3.77
N VAL B 164 16.44 -8.17 2.63
CA VAL B 164 17.73 -8.72 2.08
C VAL B 164 18.68 -7.53 1.92
N ILE B 165 18.21 -6.45 1.27
CA ILE B 165 19.12 -5.31 1.08
C ILE B 165 19.46 -4.58 2.39
N GLY B 166 18.44 -4.34 3.23
CA GLY B 166 18.72 -3.60 4.45
C GLY B 166 19.74 -4.37 5.32
N ASN B 167 19.52 -5.68 5.40
CA ASN B 167 20.39 -6.49 6.24
C ASN B 167 21.81 -6.52 5.64
N ASP B 168 21.86 -6.52 4.29
CA ASP B 168 23.18 -6.62 3.61
C ASP B 168 24.00 -5.30 3.81
N ILE B 169 23.33 -4.17 3.99
CA ILE B 169 24.01 -2.92 4.17
C ILE B 169 24.84 -3.00 5.43
N GLN B 170 24.26 -3.55 6.48
CA GLN B 170 24.91 -3.46 7.79
C GLN B 170 25.85 -4.63 7.98
N ARG B 171 25.43 -5.82 7.51
CA ARG B 171 26.15 -7.05 7.61
C ARG B 171 26.63 -7.34 9.05
N LYS B 172 25.83 -6.96 10.04
CA LYS B 172 26.18 -7.24 11.43
C LYS B 172 25.83 -8.73 11.81
N ASN B 173 24.78 -9.28 11.21
CA ASN B 173 24.23 -10.57 11.65
C ASN B 173 23.12 -10.95 10.64
N TRP B 174 22.23 -11.86 11.01
CA TRP B 174 21.12 -12.25 10.08
C TRP B 174 19.75 -11.71 10.51
N LEU B 175 19.77 -10.63 11.27
CA LEU B 175 18.54 -10.16 11.90
C LEU B 175 18.09 -8.90 11.18
N VAL B 176 16.85 -8.43 11.43
CA VAL B 176 16.39 -7.15 10.87
C VAL B 176 15.70 -6.43 12.05
N GLY B 177 16.00 -5.15 12.22
CA GLY B 177 15.35 -4.23 13.25
C GLY B 177 15.92 -4.56 14.65
N ASP B 178 17.01 -5.32 14.73
CA ASP B 178 17.52 -5.72 16.05
C ASP B 178 18.01 -4.46 16.84
N ASP B 179 18.38 -3.34 16.19
CA ASP B 179 18.86 -2.19 16.94
C ASP B 179 17.76 -1.39 17.61
N ILE B 180 16.55 -1.39 17.05
CA ILE B 180 15.53 -0.48 17.52
C ILE B 180 14.34 -1.19 18.20
N TYR B 181 14.37 -2.54 18.16
CA TYR B 181 13.27 -3.34 18.72
C TYR B 181 13.58 -3.58 20.21
N THR B 182 12.54 -3.41 21.06
CA THR B 182 12.58 -3.86 22.49
C THR B 182 13.87 -3.47 23.23
N PRO B 183 14.01 -2.16 23.53
CA PRO B 183 15.25 -1.62 24.16
C PRO B 183 15.60 -2.39 25.46
N ASN B 184 14.62 -3.03 26.07
CA ASN B 184 14.89 -3.76 27.35
CA ASN B 184 14.82 -3.82 27.31
C ASN B 184 15.30 -5.24 27.21
N ILE B 185 15.17 -5.83 26.01
CA ILE B 185 15.51 -7.23 25.75
C ILE B 185 16.69 -7.26 24.78
N ALA B 186 17.78 -7.86 25.22
CA ALA B 186 19.00 -7.92 24.43
C ALA B 186 18.82 -9.16 23.55
N GLY B 187 19.36 -9.14 22.33
CA GLY B 187 19.46 -10.37 21.56
C GLY B 187 18.37 -10.76 20.60
N ASP B 188 17.22 -10.13 20.70
CA ASP B 188 16.07 -10.45 19.84
C ASP B 188 16.00 -9.49 18.64
N ALA B 189 14.98 -9.73 17.81
CA ALA B 189 14.86 -8.90 16.63
C ALA B 189 13.47 -8.88 16.19
N LEU B 190 13.18 -7.98 15.24
CA LEU B 190 11.91 -8.04 14.56
C LEU B 190 11.71 -9.30 13.68
N ARG B 191 12.74 -9.62 12.90
CA ARG B 191 12.76 -10.83 12.08
C ARG B 191 14.15 -11.50 12.10
N SER B 192 14.22 -12.80 11.86
CA SER B 192 15.53 -13.36 11.64
C SER B 192 15.53 -14.01 10.25
N MET B 193 16.56 -13.70 9.47
CA MET B 193 16.70 -14.38 8.15
C MET B 193 17.19 -15.82 8.20
N SER B 194 18.01 -16.21 9.20
CA SER B 194 18.63 -17.53 9.25
C SER B 194 17.64 -18.47 9.87
N ASN B 195 16.71 -17.94 10.68
CA ASN B 195 15.74 -18.77 11.43
C ASN B 195 14.41 -18.08 11.63
N PRO B 196 13.66 -17.91 10.50
CA PRO B 196 12.46 -17.04 10.52
C PRO B 196 11.40 -17.42 11.55
N THR B 197 11.34 -18.68 11.89
CA THR B 197 10.29 -19.12 12.82
C THR B 197 10.54 -18.65 14.26
N LEU B 198 11.71 -18.17 14.58
CA LEU B 198 11.98 -17.57 15.88
C LEU B 198 11.01 -16.44 16.17
N TYR B 199 10.57 -15.72 15.11
CA TYR B 199 9.66 -14.56 15.26
C TYR B 199 8.43 -14.75 14.40
N ASP B 200 7.94 -16.00 14.37
CA ASP B 200 6.59 -16.33 13.83
C ASP B 200 6.43 -16.12 12.37
N GLN B 201 7.52 -16.33 11.64
CA GLN B 201 7.40 -16.40 10.17
C GLN B 201 7.68 -17.78 9.72
N PRO B 202 6.98 -18.25 8.68
CA PRO B 202 7.31 -19.56 8.09
C PRO B 202 8.71 -19.47 7.43
N ASP B 203 9.38 -20.62 7.33
CA ASP B 203 10.68 -20.73 6.66
C ASP B 203 10.64 -21.78 5.53
N HIS B 204 9.44 -22.21 5.15
CA HIS B 204 9.30 -23.19 4.08
C HIS B 204 7.97 -22.96 3.52
N TYR B 205 7.85 -23.10 2.21
CA TYR B 205 6.59 -22.88 1.48
C TYR B 205 5.37 -23.71 1.98
N SER B 206 5.64 -24.90 2.52
CA SER B 206 4.58 -25.77 3.02
C SER B 206 3.85 -25.06 4.15
N ASN B 207 4.44 -24.02 4.73
CA ASN B 207 3.77 -23.29 5.84
C ASN B 207 3.34 -21.89 5.49
N LEU B 208 3.18 -21.63 4.20
CA LEU B 208 2.78 -20.33 3.69
C LEU B 208 1.45 -19.89 4.32
N TYR B 209 1.37 -18.62 4.74
CA TYR B 209 0.13 -18.05 5.23
C TYR B 209 -0.79 -17.72 4.05
N THR B 210 -2.08 -18.08 4.15
CA THR B 210 -3.00 -17.87 2.95
C THR B 210 -4.26 -17.09 3.33
N GLY B 211 -4.27 -16.54 4.53
CA GLY B 211 -5.42 -15.66 4.95
C GLY B 211 -5.24 -14.23 4.40
N SER B 212 -6.19 -13.36 4.70
CA SER B 212 -6.19 -12.05 4.07
C SER B 212 -5.61 -10.93 4.93
N SER B 213 -5.23 -11.18 6.20
CA SER B 213 -4.71 -10.13 7.07
C SER B 213 -3.36 -9.64 6.50
N ASP B 214 -3.05 -8.36 6.74
CA ASP B 214 -1.72 -7.79 6.36
C ASP B 214 -1.53 -7.99 4.87
N ASN B 215 -2.54 -7.63 4.08
CA ASN B 215 -2.44 -7.69 2.63
C ASN B 215 -2.15 -9.10 2.14
N GLY B 216 -2.69 -10.10 2.83
CA GLY B 216 -2.39 -11.49 2.48
C GLY B 216 -1.04 -12.01 3.04
N GLY B 217 -0.63 -11.47 4.19
CA GLY B 217 0.53 -11.99 4.92
C GLY B 217 1.91 -11.54 4.45
N VAL B 218 1.99 -10.33 3.92
CA VAL B 218 3.24 -9.87 3.30
C VAL B 218 4.44 -9.79 4.26
N HIS B 219 4.22 -9.47 5.54
CA HIS B 219 5.31 -9.40 6.56
C HIS B 219 5.53 -10.71 7.24
N THR B 220 4.74 -11.70 6.88
CA THR B 220 4.85 -13.06 7.42
C THR B 220 5.52 -13.97 6.39
N ASN B 221 4.98 -14.03 5.15
CA ASN B 221 5.51 -14.95 4.18
C ASN B 221 6.89 -14.62 3.66
N SER B 222 7.30 -13.35 3.86
CA SER B 222 8.66 -12.90 3.45
C SER B 222 9.73 -13.82 4.09
N GLY B 223 9.38 -14.52 5.19
CA GLY B 223 10.34 -15.41 5.91
C GLY B 223 10.87 -16.49 4.98
N ILE B 224 10.01 -16.97 4.05
CA ILE B 224 10.35 -18.05 3.15
C ILE B 224 11.50 -17.67 2.24
N ILE B 225 11.38 -16.43 1.68
CA ILE B 225 12.39 -15.89 0.75
C ILE B 225 13.66 -15.46 1.49
N ASN B 226 13.50 -14.76 2.64
CA ASN B 226 14.68 -14.47 3.47
C ASN B 226 15.49 -15.76 3.81
N LYS B 227 14.79 -16.86 4.06
CA LYS B 227 15.41 -18.16 4.33
C LYS B 227 16.14 -18.68 3.08
N ALA B 228 15.53 -18.48 1.91
CA ALA B 228 16.22 -18.92 0.67
C ALA B 228 17.44 -18.04 0.39
N TYR B 229 17.33 -16.73 0.67
CA TYR B 229 18.47 -15.83 0.53
C TYR B 229 19.65 -16.31 1.45
N TYR B 230 19.33 -16.51 2.72
CA TYR B 230 20.26 -16.97 3.75
C TYR B 230 20.93 -18.29 3.29
N LEU B 231 20.15 -19.23 2.79
CA LEU B 231 20.77 -20.48 2.35
C LEU B 231 21.72 -20.22 1.17
N LEU B 232 21.25 -19.44 0.20
CA LEU B 232 22.13 -19.14 -0.96
C LEU B 232 23.45 -18.48 -0.52
N ALA B 233 23.39 -17.54 0.42
CA ALA B 233 24.61 -16.85 0.88
C ALA B 233 25.49 -17.75 1.75
N GLN B 234 24.88 -18.31 2.80
CA GLN B 234 25.65 -19.05 3.86
C GLN B 234 25.81 -20.57 3.61
N GLY B 235 24.89 -21.18 2.85
CA GLY B 235 24.77 -22.64 2.70
C GLY B 235 24.03 -23.24 3.90
N GLY B 236 23.77 -24.51 3.75
CA GLY B 236 23.04 -25.25 4.83
C GLY B 236 22.40 -26.48 4.32
N THR B 237 21.98 -27.35 5.26
CA THR B 237 21.13 -28.44 4.89
C THR B 237 19.75 -28.17 5.56
N PHE B 238 18.70 -28.14 4.71
CA PHE B 238 17.36 -27.71 5.15
C PHE B 238 16.34 -28.56 4.40
N HIS B 239 15.39 -29.16 5.12
CA HIS B 239 14.50 -30.16 4.45
C HIS B 239 15.19 -31.12 3.53
N GLY B 240 16.33 -31.68 3.91
CA GLY B 240 16.98 -32.71 3.11
C GLY B 240 17.85 -32.18 1.99
N VAL B 241 17.79 -30.86 1.74
CA VAL B 241 18.54 -30.28 0.65
C VAL B 241 19.82 -29.61 1.17
N THR B 242 20.96 -29.98 0.60
CA THR B 242 22.21 -29.33 0.92
C THR B 242 22.51 -28.26 -0.12
N VAL B 243 22.69 -27.04 0.37
CA VAL B 243 23.03 -25.87 -0.45
C VAL B 243 24.43 -25.47 -0.10
N ASN B 244 25.32 -25.36 -1.09
CA ASN B 244 26.66 -24.90 -0.79
C ASN B 244 26.59 -23.38 -0.98
N GLY B 245 26.93 -22.63 0.07
CA GLY B 245 26.75 -21.21 0.05
C GLY B 245 27.74 -20.57 -0.88
N ILE B 246 27.30 -19.44 -1.41
CA ILE B 246 28.17 -18.64 -2.32
C ILE B 246 28.68 -17.32 -1.72
N GLY B 247 28.33 -17.03 -0.48
CA GLY B 247 28.74 -15.76 0.10
C GLY B 247 27.74 -14.64 -0.14
N ARG B 248 27.69 -13.72 0.80
CA ARG B 248 26.84 -12.51 0.72
C ARG B 248 27.14 -11.65 -0.51
N ASP B 249 28.44 -11.50 -0.89
CA ASP B 249 28.67 -10.61 -2.07
C ASP B 249 28.02 -11.14 -3.37
N ALA B 250 28.18 -12.44 -3.65
CA ALA B 250 27.60 -13.01 -4.83
C ALA B 250 26.07 -13.09 -4.70
N ALA B 251 25.58 -13.47 -3.52
CA ALA B 251 24.10 -13.68 -3.38
C ALA B 251 23.36 -12.34 -3.55
N VAL B 252 23.88 -11.21 -2.97
CA VAL B 252 23.21 -9.91 -3.08
C VAL B 252 23.26 -9.39 -4.54
N GLN B 253 24.35 -9.66 -5.28
CA GLN B 253 24.33 -9.26 -6.72
C GLN B 253 23.25 -10.00 -7.52
N ILE B 254 23.07 -11.27 -7.21
CA ILE B 254 22.14 -12.15 -7.84
C ILE B 254 20.76 -11.73 -7.48
N TYR B 255 20.51 -11.42 -6.19
CA TYR B 255 19.16 -10.96 -5.84
C TYR B 255 18.89 -9.57 -6.41
N TYR B 256 19.86 -8.66 -6.38
CA TYR B 256 19.61 -7.33 -6.89
C TYR B 256 19.23 -7.48 -8.41
N SER B 257 20.02 -8.25 -9.15
CA SER B 257 19.70 -8.32 -10.55
C SER B 257 18.32 -8.98 -10.77
N ALA B 258 18.00 -10.04 -10.01
CA ALA B 258 16.74 -10.75 -10.12
C ALA B 258 15.60 -9.81 -9.94
N PHE B 259 15.70 -8.98 -8.90
CA PHE B 259 14.54 -8.18 -8.45
C PHE B 259 14.45 -6.89 -9.25
N THR B 260 15.54 -6.45 -9.83
CA THR B 260 15.43 -5.18 -10.50
C THR B 260 15.28 -5.37 -12.01
N ASN B 261 15.72 -6.51 -12.56
CA ASN B 261 15.61 -6.79 -13.99
C ASN B 261 14.58 -7.80 -14.39
N TYR B 262 14.37 -8.83 -13.59
CA TYR B 262 13.56 -9.96 -14.06
C TYR B 262 12.11 -10.02 -13.53
N LEU B 263 11.86 -9.51 -12.33
CA LEU B 263 10.55 -9.63 -11.70
C LEU B 263 9.66 -8.49 -12.22
N THR B 264 8.35 -8.77 -12.19
CA THR B 264 7.41 -7.74 -12.60
C THR B 264 6.38 -7.60 -11.48
N SER B 265 5.38 -6.75 -11.68
CA SER B 265 4.55 -6.37 -10.58
C SER B 265 3.75 -7.52 -9.95
N SER B 266 3.43 -8.57 -10.73
CA SER B 266 2.63 -9.68 -10.18
CA SER B 266 2.61 -9.68 -10.20
C SER B 266 3.47 -10.93 -9.97
N SER B 267 4.79 -10.80 -10.00
CA SER B 267 5.56 -12.05 -9.84
C SER B 267 5.27 -12.69 -8.49
N ASP B 268 5.31 -14.01 -8.50
CA ASP B 268 5.11 -14.86 -7.32
C ASP B 268 6.41 -15.61 -6.96
N PHE B 269 6.40 -16.46 -5.93
CA PHE B 269 7.65 -17.01 -5.44
C PHE B 269 8.32 -17.91 -6.49
N SER B 270 7.48 -18.66 -7.22
CA SER B 270 7.98 -19.48 -8.36
C SER B 270 8.64 -18.65 -9.46
N ASN B 271 8.08 -17.49 -9.76
CA ASN B 271 8.81 -16.51 -10.64
C ASN B 271 10.16 -15.98 -10.06
N ALA B 272 10.19 -15.71 -8.75
CA ALA B 272 11.42 -15.28 -8.12
C ALA B 272 12.51 -16.37 -8.21
N ARG B 273 12.11 -17.60 -7.94
CA ARG B 273 13.03 -18.73 -8.21
C ARG B 273 13.68 -18.67 -9.59
N ALA B 274 12.82 -18.64 -10.63
CA ALA B 274 13.31 -18.60 -12.03
C ALA B 274 14.20 -17.33 -12.21
N ALA B 275 13.83 -16.20 -11.58
CA ALA B 275 14.60 -14.91 -11.75
C ALA B 275 15.98 -14.97 -11.06
N VAL B 276 16.01 -15.58 -9.87
CA VAL B 276 17.25 -15.75 -9.12
C VAL B 276 18.18 -16.75 -9.88
N ILE B 277 17.62 -17.86 -10.35
CA ILE B 277 18.36 -18.83 -11.23
C ILE B 277 18.93 -18.10 -12.46
N GLN B 278 18.10 -17.35 -13.17
CA GLN B 278 18.62 -16.66 -14.39
C GLN B 278 19.70 -15.62 -14.09
N ALA B 279 19.50 -14.78 -13.08
CA ALA B 279 20.60 -13.93 -12.63
C ALA B 279 21.95 -14.63 -12.28
N ALA B 280 21.90 -15.82 -11.61
CA ALA B 280 23.09 -16.59 -11.27
C ALA B 280 23.75 -17.04 -12.58
N LYS B 281 22.95 -17.55 -13.54
CA LYS B 281 23.53 -17.96 -14.85
C LYS B 281 24.18 -16.79 -15.55
N ASP B 282 23.47 -15.65 -15.56
CA ASP B 282 24.03 -14.41 -16.22
C ASP B 282 25.40 -14.02 -15.68
N GLN B 283 25.50 -14.01 -14.37
CA GLN B 283 26.69 -13.58 -13.73
C GLN B 283 27.73 -14.68 -13.61
N TYR B 284 27.37 -15.97 -13.59
CA TYR B 284 28.36 -17.03 -13.30
C TYR B 284 28.46 -18.14 -14.34
N GLY B 285 27.48 -18.22 -15.22
CA GLY B 285 27.40 -19.33 -16.19
C GLY B 285 26.27 -20.29 -15.98
N ALA B 286 25.70 -20.73 -17.07
CA ALA B 286 24.58 -21.71 -17.07
C ALA B 286 24.75 -22.87 -16.13
N ASN B 287 25.99 -23.38 -16.02
CA ASN B 287 26.31 -24.57 -15.20
C ASN B 287 27.09 -24.36 -13.95
N SER B 288 27.18 -23.11 -13.53
CA SER B 288 28.07 -22.71 -12.47
C SER B 288 27.61 -23.27 -11.12
N ALA B 289 28.53 -23.23 -10.16
CA ALA B 289 28.17 -23.54 -8.76
C ALA B 289 27.08 -22.56 -8.20
N GLU B 290 27.18 -21.31 -8.59
CA GLU B 290 26.21 -20.27 -8.17
C GLU B 290 24.81 -20.55 -8.76
N ALA B 291 24.75 -21.00 -10.00
CA ALA B 291 23.46 -21.31 -10.61
C ALA B 291 22.83 -22.56 -9.96
N THR B 292 23.66 -23.59 -9.63
CA THR B 292 23.13 -24.76 -8.86
C THR B 292 22.64 -24.38 -7.46
N ALA B 293 23.44 -23.57 -6.75
CA ALA B 293 23.10 -23.14 -5.36
C ALA B 293 21.82 -22.31 -5.40
N ALA B 294 21.70 -21.43 -6.40
CA ALA B 294 20.43 -20.71 -6.56
C ALA B 294 19.23 -21.65 -6.66
N ALA B 295 19.29 -22.67 -7.55
CA ALA B 295 18.18 -23.59 -7.67
C ALA B 295 17.93 -24.37 -6.38
N LYS B 296 19.02 -24.83 -5.77
CA LYS B 296 18.88 -25.65 -4.54
C LYS B 296 18.31 -24.87 -3.36
N SER B 297 18.65 -23.57 -3.28
CA SER B 297 18.15 -22.72 -2.19
C SER B 297 16.60 -22.66 -2.18
N PHE B 298 16.01 -22.62 -3.37
CA PHE B 298 14.57 -22.65 -3.52
C PHE B 298 14.03 -24.08 -3.37
N ASP B 299 14.69 -25.11 -3.94
CA ASP B 299 14.31 -26.48 -3.60
C ASP B 299 14.20 -26.62 -2.10
N ALA B 300 15.19 -26.09 -1.36
CA ALA B 300 15.23 -26.28 0.13
C ALA B 300 14.04 -25.64 0.83
N VAL B 301 13.57 -24.48 0.35
CA VAL B 301 12.39 -23.77 0.97
C VAL B 301 11.04 -24.17 0.36
N GLY B 302 11.06 -25.13 -0.58
CA GLY B 302 9.84 -25.79 -1.12
C GLY B 302 9.20 -24.96 -2.23
N VAL B 303 9.99 -24.05 -2.84
CA VAL B 303 9.47 -23.23 -3.94
C VAL B 303 9.97 -23.88 -5.24
N ASN B 304 9.07 -24.45 -6.04
CA ASN B 304 9.50 -25.15 -7.25
C ASN B 304 9.21 -24.35 -8.49
#